data_8HT7
#
_entry.id   8HT7
#
loop_
_entity.id
_entity.type
_entity.pdbx_description
1 polymer "DNA (5'-D(*GP*GP*GP*TP*TP*AP*GP*GP*GP*TP*TP*AP*GP*GP*GP*TP*TP*TP*GP*GP*G)-3')"
2 polymer GLN-ALA-GLN-ALA-THR-ILE-SER-PHE-PRO-LYS-ARG-LYS-LEU-SER-TRP
#
loop_
_entity_poly.entity_id
_entity_poly.type
_entity_poly.pdbx_seq_one_letter_code
_entity_poly.pdbx_strand_id
1 'polydeoxyribonucleotide'
;(DG)(DG)(DG)(DT)(DT)(DA)(DG)(DG)(DG)(DT)(DT)(DA)(DG)(DG)(DG)(DT)(DT)(DT)(DG)(DG)
(DG)
;
A
2 'polypeptide(L)' QAQATISFPKRKLSW B
#
# COMPACT_ATOMS: atom_id res chain seq x y z
N GLN B 1 -1.94 -13.85 4.84
CA GLN B 1 -1.22 -14.14 3.57
C GLN B 1 -1.92 -13.43 2.42
N ALA B 2 -3.24 -13.51 2.40
CA ALA B 2 -4.02 -12.87 1.34
C ALA B 2 -4.05 -11.36 1.55
N GLN B 3 -3.45 -10.90 2.63
CA GLN B 3 -3.42 -9.47 2.94
C GLN B 3 -1.98 -9.02 3.22
N ALA B 4 -1.03 -9.59 2.49
CA ALA B 4 0.37 -9.23 2.68
C ALA B 4 0.69 -7.93 1.95
N THR B 5 -0.02 -7.69 0.84
CA THR B 5 0.20 -6.47 0.05
C THR B 5 -0.11 -5.23 0.89
N ILE B 6 -1.39 -4.88 0.97
CA ILE B 6 -1.80 -3.71 1.74
C ILE B 6 -1.54 -2.42 0.96
N SER B 7 -0.30 -2.26 0.52
CA SER B 7 0.09 -1.05 -0.21
C SER B 7 0.43 0.06 0.77
N PHE B 8 1.52 -0.13 1.53
CA PHE B 8 1.94 0.85 2.52
C PHE B 8 1.47 2.25 2.16
N PRO B 9 1.13 3.04 3.15
CA PRO B 9 0.62 4.42 2.98
C PRO B 9 1.38 5.21 1.91
N LYS B 10 1.12 6.52 1.86
CA LYS B 10 1.77 7.38 0.88
C LYS B 10 3.27 7.12 0.82
N ARG B 11 3.65 6.15 0.00
CA ARG B 11 5.05 5.80 -0.17
C ARG B 11 5.29 5.38 -1.62
N LYS B 12 5.36 6.38 -2.51
CA LYS B 12 5.55 6.09 -3.91
C LYS B 12 4.25 5.57 -4.52
N LEU B 13 3.51 4.81 -3.71
CA LEU B 13 2.26 4.22 -4.13
C LEU B 13 1.29 5.27 -4.65
N SER B 14 0.41 4.84 -5.55
CA SER B 14 -0.59 5.72 -6.13
C SER B 14 -0.21 7.18 -5.90
N TRP B 15 0.87 7.61 -6.53
CA TRP B 15 1.34 8.98 -6.39
C TRP B 15 0.27 9.86 -5.77
N GLN B 1 -4.08 -13.44 2.09
CA GLN B 1 -3.05 -14.16 1.29
C GLN B 1 -2.46 -13.21 0.25
N ALA B 2 -3.27 -12.29 -0.23
CA ALA B 2 -2.81 -11.33 -1.24
C ALA B 2 -2.13 -10.14 -0.57
N GLN B 3 -1.89 -9.09 -1.34
CA GLN B 3 -1.25 -7.89 -0.82
C GLN B 3 -2.11 -6.65 -1.06
N ALA B 4 -3.27 -6.87 -1.69
CA ALA B 4 -4.18 -5.77 -1.97
C ALA B 4 -4.87 -5.29 -0.71
N THR B 5 -4.08 -4.97 0.31
CA THR B 5 -4.63 -4.51 1.58
C THR B 5 -3.62 -3.65 2.33
N ILE B 6 -2.50 -3.37 1.68
CA ILE B 6 -1.46 -2.56 2.29
C ILE B 6 -1.19 -1.29 1.47
N SER B 7 -0.28 -1.40 0.50
CA SER B 7 0.07 -0.26 -0.34
C SER B 7 0.52 0.91 0.52
N PHE B 8 1.69 0.77 1.12
CA PHE B 8 2.26 1.80 1.98
C PHE B 8 1.91 3.20 1.49
N PRO B 9 0.99 3.86 2.13
CA PRO B 9 0.59 5.25 1.77
C PRO B 9 1.82 6.15 1.74
N LYS B 10 2.60 6.05 0.68
CA LYS B 10 3.83 6.83 0.56
C LYS B 10 3.86 7.70 -0.68
N ARG B 11 4.78 7.37 -1.58
CA ARG B 11 4.98 8.12 -2.82
C ARG B 11 4.00 7.69 -3.89
N LYS B 12 4.48 7.70 -5.13
CA LYS B 12 3.67 7.32 -6.29
C LYS B 12 2.43 6.53 -5.87
N LEU B 13 2.63 5.52 -5.03
CA LEU B 13 1.51 4.68 -4.59
C LEU B 13 0.17 5.38 -4.83
N SER B 14 -0.70 4.71 -5.56
CA SER B 14 -2.02 5.24 -5.86
C SER B 14 -2.08 6.74 -5.57
N TRP B 15 -1.36 7.51 -6.36
CA TRP B 15 -1.34 8.96 -6.19
C TRP B 15 -2.62 9.43 -5.51
N GLN B 1 -7.38 -4.37 4.66
CA GLN B 1 -7.03 -4.78 6.05
C GLN B 1 -6.24 -6.09 6.02
N ALA B 2 -5.03 -6.04 6.54
CA ALA B 2 -4.18 -7.23 6.56
C ALA B 2 -3.94 -7.74 5.15
N GLN B 3 -3.28 -6.93 4.33
CA GLN B 3 -3.00 -7.32 2.95
C GLN B 3 -1.61 -7.96 2.85
N ALA B 4 -1.49 -8.97 1.99
CA ALA B 4 -0.23 -9.66 1.81
C ALA B 4 0.77 -8.77 1.09
N THR B 5 0.27 -7.72 0.46
CA THR B 5 1.14 -6.79 -0.26
C THR B 5 1.00 -5.38 0.30
N ILE B 6 -0.24 -4.92 0.43
CA ILE B 6 -0.50 -3.59 0.95
C ILE B 6 0.18 -2.53 0.09
N SER B 7 -0.43 -1.36 0.01
CA SER B 7 0.13 -0.27 -0.77
C SER B 7 0.61 0.85 0.14
N PHE B 8 1.61 0.54 0.98
CA PHE B 8 2.17 1.52 1.92
C PHE B 8 1.71 2.94 1.60
N PRO B 9 1.15 3.62 2.56
CA PRO B 9 0.67 5.02 2.42
C PRO B 9 1.84 6.00 2.28
N LYS B 10 2.22 6.30 1.04
CA LYS B 10 3.32 7.23 0.79
C LYS B 10 3.19 7.84 -0.60
N ARG B 11 4.06 7.44 -1.51
CA ARG B 11 4.03 7.97 -2.87
C ARG B 11 2.68 7.70 -3.52
N LYS B 12 2.59 7.95 -4.82
CA LYS B 12 1.33 7.74 -5.54
C LYS B 12 0.36 6.87 -4.75
N LEU B 13 0.73 5.61 -4.59
CA LEU B 13 -0.08 4.64 -3.89
C LEU B 13 -1.57 4.85 -4.16
N SER B 14 -2.33 3.78 -4.06
CA SER B 14 -3.77 3.84 -4.29
C SER B 14 -4.36 5.09 -3.67
N TRP B 15 -4.39 6.17 -4.44
CA TRP B 15 -4.93 7.43 -3.95
C TRP B 15 -4.69 7.58 -2.45
N GLN B 1 -13.49 -6.64 3.71
CA GLN B 1 -12.26 -6.09 3.09
C GLN B 1 -11.41 -5.42 4.17
N ALA B 2 -10.22 -4.96 3.78
CA ALA B 2 -9.32 -4.30 4.73
C ALA B 2 -7.93 -4.19 4.13
N GLN B 3 -7.26 -5.33 3.98
CA GLN B 3 -5.90 -5.34 3.43
C GLN B 3 -5.72 -6.51 2.47
N ALA B 4 -6.25 -6.37 1.26
CA ALA B 4 -6.15 -7.42 0.26
C ALA B 4 -5.02 -7.10 -0.72
N THR B 5 -3.88 -6.69 -0.18
CA THR B 5 -2.72 -6.34 -0.99
C THR B 5 -1.71 -5.54 -0.17
N ILE B 6 -2.22 -4.54 0.54
CA ILE B 6 -1.37 -3.71 1.38
C ILE B 6 -0.42 -2.86 0.54
N SER B 7 -0.57 -1.54 0.63
CA SER B 7 0.28 -0.62 -0.09
C SER B 7 0.78 0.47 0.85
N PHE B 8 1.94 0.20 1.46
CA PHE B 8 2.56 1.11 2.44
C PHE B 8 2.42 2.59 2.05
N PRO B 9 2.93 3.47 2.91
CA PRO B 9 2.85 4.96 2.73
C PRO B 9 3.02 5.45 1.29
N LYS B 10 3.27 6.76 1.15
CA LYS B 10 3.42 7.38 -0.17
C LYS B 10 4.89 7.53 -0.57
N ARG B 11 5.59 6.41 -0.62
CA ARG B 11 6.98 6.40 -1.06
C ARG B 11 6.98 5.88 -2.48
N LYS B 12 5.87 6.16 -3.15
CA LYS B 12 5.63 5.67 -4.49
C LYS B 12 4.52 4.65 -4.38
N LEU B 13 3.28 5.08 -4.59
CA LEU B 13 2.18 4.16 -4.47
C LEU B 13 0.84 4.86 -4.71
N SER B 14 -0.01 4.22 -5.52
CA SER B 14 -1.31 4.77 -5.85
C SER B 14 -1.34 6.28 -5.64
N TRP B 15 -0.25 6.95 -6.00
CA TRP B 15 -0.17 8.40 -5.86
C TRP B 15 -0.60 8.83 -4.46
N GLN B 1 -9.38 1.07 10.54
CA GLN B 1 -8.43 1.14 9.40
C GLN B 1 -7.89 -0.26 9.12
N ALA B 2 -8.72 -1.13 8.55
CA ALA B 2 -8.31 -2.48 8.25
C ALA B 2 -7.25 -2.49 7.16
N GLN B 3 -6.53 -3.60 7.04
CA GLN B 3 -5.49 -3.72 6.03
C GLN B 3 -6.02 -3.40 4.65
N ALA B 4 -6.36 -4.45 3.89
CA ALA B 4 -6.88 -4.27 2.54
C ALA B 4 -5.74 -4.22 1.53
N THR B 5 -4.85 -5.18 1.61
CA THR B 5 -3.71 -5.24 0.70
C THR B 5 -2.51 -4.49 1.28
N ILE B 6 -2.79 -3.57 2.21
CA ILE B 6 -1.73 -2.79 2.85
C ILE B 6 -1.18 -1.73 1.90
N SER B 7 -0.33 -2.16 0.97
CA SER B 7 0.28 -1.23 0.03
C SER B 7 0.76 0.01 0.77
N PHE B 8 1.83 -0.17 1.56
CA PHE B 8 2.41 0.94 2.35
C PHE B 8 1.87 2.30 1.91
N PRO B 9 1.67 3.18 2.87
CA PRO B 9 1.14 4.56 2.63
C PRO B 9 1.61 5.18 1.31
N LYS B 10 1.22 6.44 1.09
CA LYS B 10 1.59 7.14 -0.13
C LYS B 10 3.10 7.26 -0.27
N ARG B 11 3.67 6.39 -1.10
CA ARG B 11 5.11 6.39 -1.34
C ARG B 11 5.38 5.86 -2.75
N LYS B 12 4.45 6.16 -3.65
CA LYS B 12 4.52 5.70 -5.04
C LYS B 12 3.30 4.87 -5.35
N LEU B 13 2.80 4.22 -4.31
CA LEU B 13 1.65 3.33 -4.42
C LEU B 13 0.39 4.08 -4.83
N SER B 14 -0.48 3.38 -5.56
CA SER B 14 -1.74 3.93 -6.02
C SER B 14 -1.71 5.45 -6.00
N TRP B 15 -0.59 6.02 -6.43
CA TRP B 15 -0.43 7.47 -6.46
C TRP B 15 -1.67 8.17 -5.90
N GLN B 1 0.33 -13.86 7.46
CA GLN B 1 0.67 -13.43 6.09
C GLN B 1 -0.59 -12.95 5.37
N ALA B 2 -1.48 -12.31 6.13
CA ALA B 2 -2.73 -11.81 5.56
C ALA B 2 -2.45 -10.81 4.44
N GLN B 3 -1.70 -9.77 4.76
CA GLN B 3 -1.36 -8.74 3.78
C GLN B 3 0.07 -8.90 3.30
N ALA B 4 1.03 -8.46 4.13
CA ALA B 4 2.43 -8.55 3.78
C ALA B 4 2.80 -7.49 2.75
N THR B 5 1.91 -7.27 1.79
CA THR B 5 2.14 -6.28 0.76
C THR B 5 1.54 -4.93 1.15
N ILE B 6 0.24 -4.77 0.91
CA ILE B 6 -0.43 -3.53 1.26
C ILE B 6 0.07 -2.38 0.37
N SER B 7 -0.80 -1.40 0.13
CA SER B 7 -0.42 -0.26 -0.69
C SER B 7 0.03 0.89 0.21
N PHE B 8 1.24 0.73 0.76
CA PHE B 8 1.81 1.72 1.67
C PHE B 8 1.69 3.15 1.15
N PRO B 9 1.20 4.05 1.96
CA PRO B 9 1.11 5.49 1.60
C PRO B 9 2.52 6.04 1.60
N LYS B 10 2.92 6.74 0.55
CA LYS B 10 4.30 7.21 0.52
C LYS B 10 4.69 7.87 -0.81
N ARG B 11 5.62 7.23 -1.51
CA ARG B 11 6.09 7.74 -2.80
C ARG B 11 4.92 8.00 -3.74
N LYS B 12 4.53 6.96 -4.47
CA LYS B 12 3.43 7.06 -5.41
C LYS B 12 2.24 6.25 -4.91
N LEU B 13 2.08 5.05 -5.46
CA LEU B 13 0.99 4.18 -5.06
C LEU B 13 -0.36 4.79 -5.41
N SER B 14 -1.13 4.07 -6.21
CA SER B 14 -2.45 4.54 -6.62
C SER B 14 -2.47 6.06 -6.72
N TRP B 15 -1.55 6.61 -7.50
CA TRP B 15 -1.49 8.05 -7.68
C TRP B 15 -1.70 8.77 -6.34
N GLN B 1 -0.92 -3.49 14.48
CA GLN B 1 -1.99 -4.49 14.27
C GLN B 1 -3.18 -3.83 13.58
N ALA B 2 -2.91 -3.10 12.51
CA ALA B 2 -3.95 -2.42 11.77
C ALA B 2 -3.82 -2.67 10.27
N GLN B 3 -2.87 -1.99 9.64
CA GLN B 3 -2.63 -2.15 8.21
C GLN B 3 -3.84 -2.79 7.53
N ALA B 4 -3.89 -4.12 7.55
CA ALA B 4 -5.00 -4.84 6.93
C ALA B 4 -4.70 -5.12 5.45
N THR B 5 -3.52 -5.65 5.19
CA THR B 5 -3.12 -5.97 3.82
C THR B 5 -3.07 -4.70 2.97
N ILE B 6 -2.28 -3.74 3.42
CA ILE B 6 -2.13 -2.48 2.69
C ILE B 6 -0.83 -2.47 1.89
N SER B 7 -0.85 -1.81 0.74
CA SER B 7 0.34 -1.72 -0.10
C SER B 7 1.37 -0.77 0.52
N PHE B 8 1.24 -0.54 1.84
CA PHE B 8 2.16 0.35 2.56
C PHE B 8 1.59 1.77 2.64
N PRO B 9 2.33 2.67 3.25
CA PRO B 9 1.92 4.11 3.39
C PRO B 9 1.35 4.69 2.10
N LYS B 10 1.93 5.82 1.64
CA LYS B 10 1.44 6.45 0.41
C LYS B 10 2.59 6.90 -0.50
N ARG B 11 3.81 6.46 -0.23
CA ARG B 11 4.94 6.83 -1.08
C ARG B 11 4.45 7.09 -2.51
N LYS B 12 3.91 6.04 -3.11
CA LYS B 12 3.39 6.14 -4.48
C LYS B 12 2.19 5.21 -4.65
N LEU B 13 2.39 3.97 -4.21
CA LEU B 13 1.35 2.95 -4.31
C LEU B 13 0.06 3.51 -4.92
N SER B 14 -0.35 2.93 -6.02
CA SER B 14 -1.57 3.37 -6.67
C SER B 14 -1.47 4.84 -7.06
N TRP B 15 -0.25 5.36 -7.03
CA TRP B 15 -0.02 6.77 -7.38
C TRP B 15 -0.15 7.65 -6.15
N GLN B 1 4.36 -10.45 3.20
CA GLN B 1 3.52 -11.33 2.33
C GLN B 1 2.05 -10.97 2.51
N ALA B 2 1.19 -11.99 2.47
CA ALA B 2 -0.24 -11.77 2.63
C ALA B 2 -0.61 -10.36 2.19
N GLN B 3 -0.53 -10.11 0.88
CA GLN B 3 -0.87 -8.80 0.33
C GLN B 3 -2.35 -8.72 -0.03
N ALA B 4 -3.19 -8.52 0.98
CA ALA B 4 -4.62 -8.42 0.75
C ALA B 4 -5.16 -7.10 1.27
N THR B 5 -4.25 -6.22 1.67
CA THR B 5 -4.63 -4.91 2.19
C THR B 5 -3.45 -4.23 2.88
N ILE B 6 -2.31 -4.24 2.21
CA ILE B 6 -1.10 -3.63 2.78
C ILE B 6 -0.72 -2.38 2.00
N SER B 7 0.03 -2.57 0.92
CA SER B 7 0.47 -1.45 0.10
C SER B 7 0.83 -0.26 1.00
N PHE B 8 1.95 -0.37 1.70
CA PHE B 8 2.41 0.68 2.60
C PHE B 8 1.86 2.05 2.19
N PRO B 9 1.79 2.96 3.12
CA PRO B 9 1.28 4.33 2.88
C PRO B 9 1.67 4.87 1.52
N LYS B 10 1.07 6.00 1.14
CA LYS B 10 1.36 6.60 -0.16
C LYS B 10 2.74 6.18 -0.66
N ARG B 11 3.76 6.36 0.18
CA ARG B 11 5.12 5.98 -0.21
C ARG B 11 5.11 5.39 -1.61
N LYS B 12 4.95 6.26 -2.60
CA LYS B 12 4.88 5.79 -3.98
C LYS B 12 3.91 4.64 -4.06
N LEU B 13 2.70 4.91 -4.54
CA LEU B 13 1.67 3.88 -4.63
C LEU B 13 0.34 4.49 -5.05
N SER B 14 -0.52 3.66 -5.66
CA SER B 14 -1.83 4.12 -6.10
C SER B 14 -1.81 5.63 -6.32
N TRP B 15 -0.78 6.12 -7.00
CA TRP B 15 -0.65 7.54 -7.27
C TRP B 15 -0.38 8.31 -5.99
N GLN B 1 -2.62 -11.43 8.67
CA GLN B 1 -3.07 -12.79 8.28
C GLN B 1 -2.18 -13.31 7.15
N ALA B 2 -1.92 -12.45 6.16
CA ALA B 2 -1.10 -12.83 5.03
C ALA B 2 -0.92 -11.65 4.08
N GLN B 3 -0.74 -10.45 4.64
CA GLN B 3 -0.56 -9.25 3.83
C GLN B 3 0.85 -9.21 3.26
N ALA B 4 0.98 -9.51 1.97
CA ALA B 4 2.27 -9.51 1.31
C ALA B 4 2.33 -8.40 0.25
N THR B 5 1.21 -7.71 0.06
CA THR B 5 1.15 -6.63 -0.91
C THR B 5 0.86 -5.30 -0.23
N ILE B 6 -0.37 -5.12 0.23
CA ILE B 6 -0.76 -3.89 0.89
C ILE B 6 -0.28 -2.68 0.10
N SER B 7 -0.68 -1.49 0.53
CA SER B 7 -0.28 -0.27 -0.16
C SER B 7 0.16 0.79 0.84
N PHE B 8 1.34 0.58 1.43
CA PHE B 8 1.88 1.51 2.41
C PHE B 8 1.70 2.96 1.95
N PRO B 9 2.14 3.92 2.73
CA PRO B 9 2.02 5.37 2.40
C PRO B 9 2.02 5.68 0.90
N LYS B 10 2.64 6.79 0.51
CA LYS B 10 2.67 7.17 -0.89
C LYS B 10 4.04 7.67 -1.34
N ARG B 11 5.00 6.75 -1.41
CA ARG B 11 6.34 7.10 -1.86
C ARG B 11 6.39 6.93 -3.37
N LYS B 12 5.21 6.97 -3.97
CA LYS B 12 5.05 6.80 -5.41
C LYS B 12 3.71 6.13 -5.69
N LEU B 13 3.29 5.34 -4.71
CA LEU B 13 2.03 4.60 -4.80
C LEU B 13 0.88 5.47 -5.28
N SER B 14 -0.06 4.83 -5.97
CA SER B 14 -1.23 5.51 -6.48
C SER B 14 -1.28 6.97 -6.03
N TRP B 15 -0.45 7.80 -6.65
CA TRP B 15 -0.40 9.21 -6.31
C TRP B 15 -1.37 9.55 -5.17
N GLN B 1 -0.53 -14.67 8.37
CA GLN B 1 -1.25 -13.72 7.49
C GLN B 1 -0.49 -12.42 7.41
N ALA B 2 0.23 -12.22 6.30
CA ALA B 2 1.01 -11.01 6.11
C ALA B 2 1.42 -10.85 4.66
N GLN B 3 1.89 -9.67 4.30
CA GLN B 3 2.32 -9.40 2.94
C GLN B 3 1.42 -10.11 1.93
N ALA B 4 0.18 -9.63 1.83
CA ALA B 4 -0.78 -10.24 0.91
C ALA B 4 -1.13 -9.24 -0.21
N THR B 5 -0.53 -8.06 -0.14
CA THR B 5 -0.78 -7.03 -1.14
C THR B 5 -0.14 -5.71 -0.71
N ILE B 6 -0.33 -5.35 0.55
CA ILE B 6 0.23 -4.12 1.09
C ILE B 6 -0.06 -2.94 0.17
N SER B 7 0.14 -1.73 0.69
CA SER B 7 -0.10 -0.51 -0.07
C SER B 7 0.33 0.70 0.73
N PHE B 8 1.53 0.65 1.29
CA PHE B 8 2.06 1.74 2.08
C PHE B 8 1.53 3.09 1.61
N PRO B 9 1.07 3.90 2.52
CA PRO B 9 0.54 5.26 2.20
C PRO B 9 1.65 6.30 2.16
N LYS B 10 2.12 6.62 0.96
CA LYS B 10 3.20 7.59 0.81
C LYS B 10 3.27 8.13 -0.62
N ARG B 11 4.26 7.66 -1.38
CA ARG B 11 4.43 8.10 -2.75
C ARG B 11 3.45 7.37 -3.67
N LYS B 12 3.35 7.83 -4.91
CA LYS B 12 2.43 7.18 -5.86
C LYS B 12 1.36 6.43 -5.09
N LEU B 13 1.62 5.15 -4.82
CA LEU B 13 0.68 4.34 -4.07
C LEU B 13 -0.75 4.66 -4.50
N SER B 14 -1.32 3.78 -5.31
CA SER B 14 -2.67 3.99 -5.80
C SER B 14 -2.70 5.24 -6.66
N TRP B 15 -1.51 5.77 -6.91
CA TRP B 15 -1.37 6.97 -7.73
C TRP B 15 -1.67 8.22 -6.92
#